data_4IHK
#
_entry.id   4IHK
#
_cell.length_a   55.070
_cell.length_b   55.070
_cell.length_c   106.870
_cell.angle_alpha   90.00
_cell.angle_beta   90.00
_cell.angle_gamma   90.00
#
_symmetry.space_group_name_H-M   'P 43 21 2'
#
loop_
_entity.id
_entity.type
_entity.pdbx_description
1 polymer 'Collagen alpha3(VI)'
2 water water
#
_entity_poly.entity_id   1
_entity_poly.type   'polypeptide(L)'
_entity_poly.pdbx_seq_one_letter_code
;SGEKDVVFLIDGSEGVRSGFPLLKDFVQRVVESLDVGPDQVRVALVQYSDRTRPEFYLNSHMDQQGVISAIRRLTLLGGP
TPNTGAALEFVLRNILTSSTGSRIAEGVPQLLIVLTAEPSGDDVRGPSVVLKQGGAVPIGIGIGNADISEMQTISFIPDF
AVAIPTFRELGTIQQVISERVIQLNREELSSLKPILTPSTGAG
;
_entity_poly.pdbx_strand_id   A
#
# COMPACT_ATOMS: atom_id res chain seq x y z
N SER A 1 -1.32 -18.18 2.21
CA SER A 1 -1.89 -17.01 1.52
C SER A 1 -2.33 -17.33 0.10
N GLY A 2 -1.73 -18.35 -0.50
CA GLY A 2 -1.90 -18.55 -1.92
C GLY A 2 -1.29 -17.36 -2.62
N GLU A 3 -1.66 -17.15 -3.86
CA GLU A 3 -1.05 -16.05 -4.56
C GLU A 3 -1.76 -14.76 -4.33
N LYS A 4 -0.96 -13.72 -4.07
CA LYS A 4 -1.43 -12.37 -3.90
C LYS A 4 -0.42 -11.44 -4.52
N ASP A 5 -0.90 -10.33 -5.07
CA ASP A 5 -0.04 -9.22 -5.46
C ASP A 5 -0.27 -8.14 -4.42
N VAL A 6 0.81 -7.69 -3.77
CA VAL A 6 0.71 -6.72 -2.68
C VAL A 6 1.52 -5.48 -3.07
N VAL A 7 0.82 -4.34 -3.15
CA VAL A 7 1.47 -3.07 -3.45
C VAL A 7 1.40 -2.17 -2.25
N PHE A 8 2.55 -1.66 -1.81
CA PHE A 8 2.60 -0.66 -0.78
C PHE A 8 2.68 0.70 -1.47
N LEU A 9 1.78 1.60 -1.09
CA LEU A 9 1.77 2.97 -1.57
C LEU A 9 2.04 3.84 -0.35
N ILE A 10 3.23 4.43 -0.33
N ILE A 10 3.23 4.44 -0.33
CA ILE A 10 3.75 5.10 0.86
CA ILE A 10 3.74 5.10 0.86
C ILE A 10 3.89 6.59 0.64
C ILE A 10 3.88 6.58 0.64
N ASP A 11 3.22 7.35 1.50
CA ASP A 11 3.34 8.80 1.53
C ASP A 11 4.81 9.10 1.88
N GLY A 12 5.49 9.81 0.99
CA GLY A 12 6.87 10.23 1.19
C GLY A 12 7.00 11.75 1.28
N SER A 13 5.91 12.43 1.60
CA SER A 13 5.93 13.88 1.73
C SER A 13 6.59 14.28 3.05
N GLU A 14 6.80 15.57 3.23
CA GLU A 14 7.55 16.08 4.38
C GLU A 14 6.93 15.64 5.70
N GLY A 15 5.62 15.54 5.74
CA GLY A 15 4.92 15.14 6.97
C GLY A 15 5.32 13.79 7.52
N VAL A 16 5.94 12.98 6.66
N VAL A 16 5.90 12.90 6.70
CA VAL A 16 6.31 11.61 6.97
CA VAL A 16 6.31 11.60 7.21
C VAL A 16 7.79 11.49 7.37
C VAL A 16 7.81 11.51 7.50
N ARG A 17 8.55 12.57 7.24
CA ARG A 17 10.00 12.49 7.40
C ARG A 17 10.46 11.85 8.72
N SER A 18 9.92 12.33 9.83
N SER A 18 9.93 12.34 9.83
N SER A 18 9.92 12.33 9.83
CA SER A 18 10.33 11.84 11.15
CA SER A 18 10.33 11.83 11.14
CA SER A 18 10.31 11.84 11.15
C SER A 18 9.87 10.41 11.43
C SER A 18 9.96 10.36 11.28
C SER A 18 9.93 10.38 11.33
N GLY A 19 8.80 9.99 10.76
CA GLY A 19 8.28 8.65 10.91
C GLY A 19 8.78 7.63 9.88
N PHE A 20 9.52 8.08 8.88
CA PHE A 20 9.87 7.21 7.75
C PHE A 20 10.63 5.94 8.19
N PRO A 21 11.59 6.04 9.12
CA PRO A 21 12.23 4.78 9.54
C PRO A 21 11.23 3.75 10.10
N LEU A 22 10.23 4.20 10.85
CA LEU A 22 9.23 3.29 11.40
C LEU A 22 8.30 2.76 10.31
N LEU A 23 8.00 3.59 9.30
N LEU A 23 8.05 3.57 9.29
CA LEU A 23 7.25 3.13 8.13
CA LEU A 23 7.25 3.11 8.17
C LEU A 23 8.00 1.99 7.46
C LEU A 23 7.99 2.01 7.40
N LYS A 24 9.27 2.19 7.18
CA LYS A 24 10.09 1.18 6.54
C LYS A 24 10.10 -0.10 7.36
N ASP A 25 10.26 0.03 8.68
N ASP A 25 10.22 0.06 8.66
CA ASP A 25 10.21 -1.15 9.56
CA ASP A 25 10.22 -1.06 9.57
C ASP A 25 8.89 -1.89 9.38
C ASP A 25 8.91 -1.86 9.51
N PHE A 26 7.79 -1.16 9.42
CA PHE A 26 6.48 -1.78 9.33
C PHE A 26 6.35 -2.58 8.03
N VAL A 27 6.72 -1.95 6.92
CA VAL A 27 6.60 -2.62 5.63
C VAL A 27 7.46 -3.88 5.61
N GLN A 28 8.69 -3.76 6.11
CA GLN A 28 9.57 -4.91 6.19
C GLN A 28 8.92 -6.03 7.00
N ARG A 29 8.33 -5.68 8.12
N ARG A 29 8.36 -5.69 8.14
CA ARG A 29 7.73 -6.69 9.00
CA ARG A 29 7.75 -6.70 9.00
C ARG A 29 6.52 -7.37 8.37
C ARG A 29 6.53 -7.37 8.35
N VAL A 30 5.71 -6.61 7.62
CA VAL A 30 4.60 -7.23 6.90
C VAL A 30 5.16 -8.23 5.89
N VAL A 31 6.20 -7.82 5.16
CA VAL A 31 6.78 -8.71 4.15
C VAL A 31 7.40 -9.96 4.78
N GLU A 32 7.98 -9.85 5.97
CA GLU A 32 8.58 -10.99 6.65
C GLU A 32 7.56 -12.09 6.94
N SER A 33 6.30 -11.72 7.00
N SER A 33 6.28 -11.75 7.04
CA SER A 33 5.20 -12.66 7.30
CA SER A 33 5.26 -12.74 7.32
C SER A 33 4.68 -13.39 6.07
C SER A 33 4.60 -13.33 6.07
N LEU A 34 5.08 -12.95 4.89
CA LEU A 34 4.55 -13.45 3.64
C LEU A 34 5.52 -14.39 2.92
N ASP A 35 4.96 -15.27 2.12
CA ASP A 35 5.72 -16.20 1.32
C ASP A 35 5.96 -15.52 -0.02
N VAL A 36 7.09 -14.80 -0.14
CA VAL A 36 7.38 -14.04 -1.34
C VAL A 36 8.07 -14.90 -2.37
N GLY A 37 7.58 -14.88 -3.60
CA GLY A 37 8.21 -15.63 -4.66
C GLY A 37 7.48 -15.39 -5.96
N PRO A 38 8.12 -15.73 -7.08
CA PRO A 38 7.51 -15.46 -8.38
C PRO A 38 6.19 -16.21 -8.56
N ASP A 39 6.07 -17.33 -7.84
CA ASP A 39 4.93 -18.23 -7.87
C ASP A 39 4.09 -18.13 -6.61
N GLN A 40 4.35 -17.13 -5.77
CA GLN A 40 3.70 -17.00 -4.46
C GLN A 40 3.19 -15.57 -4.30
N VAL A 41 3.61 -14.84 -3.26
CA VAL A 41 3.25 -13.45 -3.12
C VAL A 41 4.27 -12.57 -3.84
N ARG A 42 3.80 -11.62 -4.65
CA ARG A 42 4.65 -10.63 -5.28
C ARG A 42 4.40 -9.30 -4.59
N VAL A 43 5.44 -8.49 -4.48
CA VAL A 43 5.39 -7.22 -3.76
C VAL A 43 5.93 -6.10 -4.64
N ALA A 44 5.24 -4.97 -4.60
CA ALA A 44 5.68 -3.74 -5.25
C ALA A 44 5.57 -2.59 -4.26
N LEU A 45 6.26 -1.50 -4.55
CA LEU A 45 6.24 -0.36 -3.65
C LEU A 45 6.43 0.91 -4.45
N VAL A 46 5.61 1.89 -4.10
CA VAL A 46 5.60 3.19 -4.73
C VAL A 46 5.58 4.24 -3.63
N GLN A 47 6.38 5.30 -3.78
CA GLN A 47 6.29 6.45 -2.89
C GLN A 47 5.59 7.59 -3.59
N TYR A 48 4.93 8.47 -2.82
CA TYR A 48 4.27 9.59 -3.47
C TYR A 48 4.24 10.83 -2.60
N SER A 49 4.19 11.97 -3.27
N SER A 49 4.21 11.97 -3.28
CA SER A 49 3.95 13.24 -2.62
CA SER A 49 3.98 13.25 -2.64
C SER A 49 3.17 14.05 -3.63
C SER A 49 3.16 14.07 -3.62
N ASP A 50 3.80 15.06 -4.25
CA ASP A 50 3.15 15.78 -5.34
C ASP A 50 3.49 15.17 -6.70
N ARG A 51 4.21 14.05 -6.65
CA ARG A 51 4.46 13.19 -7.80
C ARG A 51 4.56 11.77 -7.26
N THR A 52 4.54 10.79 -8.15
CA THR A 52 4.58 9.41 -7.74
C THR A 52 5.85 8.78 -8.30
N ARG A 53 6.59 8.06 -7.44
CA ARG A 53 7.86 7.42 -7.82
C ARG A 53 7.78 5.93 -7.53
N PRO A 54 7.71 5.09 -8.57
CA PRO A 54 7.77 3.64 -8.33
C PRO A 54 9.15 3.30 -7.76
N GLU A 55 9.20 2.46 -6.74
CA GLU A 55 10.47 2.03 -6.19
C GLU A 55 10.81 0.66 -6.74
N PHE A 56 9.84 -0.25 -6.76
CA PHE A 56 9.98 -1.53 -7.43
C PHE A 56 8.61 -2.06 -7.83
N TYR A 57 8.60 -2.85 -8.89
CA TYR A 57 7.38 -3.41 -9.46
C TYR A 57 7.19 -4.83 -8.98
N LEU A 58 6.02 -5.39 -9.28
CA LEU A 58 5.69 -6.73 -8.81
C LEU A 58 6.67 -7.80 -9.30
N ASN A 59 7.32 -7.58 -10.42
CA ASN A 59 8.27 -8.55 -10.90
C ASN A 59 9.73 -8.13 -10.74
N SER A 60 10.00 -7.11 -9.93
CA SER A 60 11.38 -6.63 -9.76
C SER A 60 12.26 -7.53 -8.89
N HIS A 61 11.71 -8.01 -7.78
CA HIS A 61 12.52 -8.78 -6.83
C HIS A 61 11.39 -9.76 -6.41
N MET A 62 11.68 -10.98 -6.73
CA MET A 62 10.77 -12.07 -6.40
C MET A 62 11.41 -13.07 -5.37
N ASP A 63 12.23 -12.64 -4.42
N ASP A 63 12.20 -12.60 -4.40
CA ASP A 63 12.47 -13.39 -3.19
CA ASP A 63 12.53 -13.35 -3.20
C ASP A 63 12.39 -12.43 -2.03
C ASP A 63 12.49 -12.43 -2.00
N GLN A 64 12.10 -12.99 -0.86
CA GLN A 64 11.83 -12.18 0.31
C GLN A 64 13.03 -11.34 0.69
N GLN A 65 14.23 -11.92 0.65
CA GLN A 65 15.41 -11.22 1.09
C GLN A 65 15.65 -9.99 0.24
N GLY A 66 15.41 -10.12 -1.06
CA GLY A 66 15.58 -9.03 -1.98
C GLY A 66 14.54 -7.92 -1.81
N VAL A 67 13.29 -8.29 -1.56
CA VAL A 67 12.28 -7.30 -1.29
C VAL A 67 12.63 -6.55 0.00
N ILE A 68 13.07 -7.27 1.02
CA ILE A 68 13.43 -6.63 2.29
C ILE A 68 14.61 -5.68 2.10
N SER A 69 15.63 -6.10 1.36
CA SER A 69 16.76 -5.22 1.06
C SER A 69 16.30 -3.94 0.34
N ALA A 70 15.40 -4.08 -0.62
CA ALA A 70 14.88 -2.93 -1.35
C ALA A 70 14.14 -1.96 -0.41
N ILE A 71 13.37 -2.50 0.52
CA ILE A 71 12.67 -1.67 1.50
C ILE A 71 13.67 -0.94 2.39
N ARG A 72 14.68 -1.65 2.86
CA ARG A 72 15.64 -1.05 3.79
C ARG A 72 16.43 0.07 3.16
N ARG A 73 16.65 0.03 1.85
CA ARG A 73 17.44 1.08 1.23
C ARG A 73 16.62 2.29 0.78
N LEU A 74 15.31 2.27 1.02
CA LEU A 74 14.48 3.39 0.62
C LEU A 74 14.90 4.70 1.25
N THR A 75 14.86 5.76 0.46
N THR A 75 14.83 5.75 0.45
CA THR A 75 15.08 7.11 0.96
CA THR A 75 15.09 7.12 0.89
C THR A 75 13.80 7.90 0.73
C THR A 75 13.82 7.94 0.70
N LEU A 76 13.52 8.85 1.62
CA LEU A 76 12.30 9.63 1.55
C LEU A 76 12.21 10.38 0.22
N LEU A 77 11.09 10.24 -0.47
CA LEU A 77 10.90 10.96 -1.74
C LEU A 77 10.94 12.46 -1.51
N GLY A 78 10.24 12.92 -0.49
CA GLY A 78 10.13 14.34 -0.19
C GLY A 78 9.00 14.96 -0.97
N GLY A 79 8.60 16.16 -0.58
CA GLY A 79 7.56 16.86 -1.29
C GLY A 79 6.60 17.56 -0.36
N PRO A 80 5.86 18.53 -0.90
CA PRO A 80 5.13 19.44 -0.01
C PRO A 80 3.79 18.94 0.47
N THR A 81 3.23 17.94 -0.20
CA THR A 81 1.88 17.49 0.08
C THR A 81 1.71 16.06 -0.41
N PRO A 82 0.80 15.30 0.21
CA PRO A 82 0.50 13.95 -0.30
C PRO A 82 -0.69 14.00 -1.24
N ASN A 83 -0.46 13.91 -2.55
CA ASN A 83 -1.58 13.86 -3.49
C ASN A 83 -2.03 12.42 -3.67
N THR A 84 -2.80 11.97 -2.70
CA THR A 84 -3.14 10.57 -2.58
C THR A 84 -4.01 10.09 -3.74
N GLY A 85 -4.93 10.92 -4.20
CA GLY A 85 -5.77 10.53 -5.32
C GLY A 85 -4.98 10.25 -6.58
N ALA A 86 -4.08 11.17 -6.93
CA ALA A 86 -3.25 10.99 -8.11
C ALA A 86 -2.38 9.74 -7.98
N ALA A 87 -1.89 9.48 -6.77
CA ALA A 87 -1.05 8.32 -6.55
C ALA A 87 -1.83 7.02 -6.73
N LEU A 88 -3.08 6.99 -6.24
CA LEU A 88 -3.92 5.82 -6.42
C LEU A 88 -4.09 5.51 -7.91
N GLU A 89 -4.37 6.54 -8.68
CA GLU A 89 -4.60 6.35 -10.10
C GLU A 89 -3.32 5.91 -10.79
N PHE A 90 -2.18 6.44 -10.37
CA PHE A 90 -0.89 6.01 -10.93
C PHE A 90 -0.72 4.50 -10.71
N VAL A 91 -1.02 4.05 -9.50
CA VAL A 91 -0.88 2.63 -9.20
C VAL A 91 -1.76 1.79 -10.11
N LEU A 92 -3.03 2.17 -10.25
CA LEU A 92 -3.91 1.39 -11.10
C LEU A 92 -3.39 1.32 -12.55
N ARG A 93 -2.95 2.46 -13.07
N ARG A 93 -2.93 2.44 -13.08
CA ARG A 93 -2.56 2.56 -14.48
CA ARG A 93 -2.58 2.51 -14.49
C ARG A 93 -1.24 1.88 -14.77
C ARG A 93 -1.21 1.93 -14.80
N ASN A 94 -0.30 1.97 -13.83
CA ASN A 94 1.10 1.66 -14.11
C ASN A 94 1.68 0.51 -13.32
N ILE A 95 1.03 0.13 -12.21
CA ILE A 95 1.57 -0.91 -11.34
C ILE A 95 0.74 -2.20 -11.41
N LEU A 96 -0.58 -2.06 -11.55
CA LEU A 96 -1.48 -3.23 -11.59
C LEU A 96 -1.65 -3.68 -13.03
N THR A 97 -0.54 -3.98 -13.68
CA THR A 97 -0.56 -4.31 -15.11
C THR A 97 0.23 -5.57 -15.39
N SER A 98 -0.22 -6.33 -16.39
N SER A 98 -0.22 -6.33 -16.38
CA SER A 98 0.42 -7.60 -16.70
CA SER A 98 0.42 -7.58 -16.73
C SER A 98 1.87 -7.42 -17.15
C SER A 98 1.90 -7.37 -17.06
N SER A 99 2.19 -6.29 -17.77
CA SER A 99 3.54 -6.07 -18.24
C SER A 99 4.54 -5.82 -17.12
N THR A 100 4.07 -5.42 -15.94
CA THR A 100 4.97 -5.17 -14.82
C THR A 100 4.83 -6.22 -13.72
N GLY A 101 4.18 -7.34 -14.04
CA GLY A 101 4.19 -8.46 -13.12
C GLY A 101 2.90 -8.75 -12.40
N SER A 102 1.86 -7.95 -12.64
CA SER A 102 0.59 -8.21 -11.97
C SER A 102 -0.15 -9.40 -12.57
N ARG A 103 -0.68 -10.24 -11.69
CA ARG A 103 -1.49 -11.38 -12.08
C ARG A 103 -2.99 -11.06 -12.06
N ILE A 104 -3.30 -9.76 -12.19
CA ILE A 104 -4.67 -9.29 -12.20
C ILE A 104 -5.55 -10.05 -13.20
N ALA A 105 -5.04 -10.31 -14.41
CA ALA A 105 -5.87 -10.95 -15.44
C ALA A 105 -6.22 -12.41 -15.11
N GLU A 106 -5.46 -13.04 -14.23
CA GLU A 106 -5.72 -14.43 -13.83
C GLU A 106 -6.62 -14.50 -12.60
N GLY A 107 -7.00 -13.36 -12.04
CA GLY A 107 -7.88 -13.35 -10.89
C GLY A 107 -7.18 -13.35 -9.55
N VAL A 108 -5.87 -13.12 -9.55
CA VAL A 108 -5.14 -13.01 -8.30
C VAL A 108 -5.49 -11.69 -7.62
N PRO A 109 -5.80 -11.71 -6.31
CA PRO A 109 -6.13 -10.46 -5.62
C PRO A 109 -5.01 -9.41 -5.69
N GLN A 110 -5.42 -8.17 -5.93
CA GLN A 110 -4.52 -7.01 -6.03
C GLN A 110 -4.69 -6.18 -4.78
N LEU A 111 -3.86 -6.45 -3.78
CA LEU A 111 -3.99 -5.80 -2.49
C LEU A 111 -3.12 -4.54 -2.48
N LEU A 112 -3.72 -3.43 -2.06
CA LEU A 112 -3.02 -2.16 -2.05
C LEU A 112 -3.02 -1.62 -0.64
N ILE A 113 -1.86 -1.53 -0.01
CA ILE A 113 -1.75 -1.01 1.35
C ILE A 113 -1.24 0.42 1.25
N VAL A 114 -2.07 1.36 1.67
CA VAL A 114 -1.76 2.78 1.58
C VAL A 114 -1.45 3.31 2.96
N LEU A 115 -0.29 3.95 3.10
CA LEU A 115 0.14 4.51 4.37
C LEU A 115 0.37 6.01 4.23
N THR A 116 -0.36 6.81 4.99
CA THR A 116 -0.26 8.25 4.90
C THR A 116 -0.51 8.89 6.26
N ALA A 117 0.02 10.09 6.46
CA ALA A 117 -0.05 10.73 7.78
C ALA A 117 -0.58 12.17 7.74
N GLU A 118 -1.24 12.55 6.65
CA GLU A 118 -1.88 13.85 6.56
C GLU A 118 -3.13 13.75 5.72
N PRO A 119 -4.03 14.74 5.83
CA PRO A 119 -5.12 14.83 4.86
C PRO A 119 -4.56 14.93 3.45
N SER A 120 -5.22 14.30 2.51
CA SER A 120 -4.76 14.36 1.13
C SER A 120 -4.70 15.78 0.60
N GLY A 121 -3.71 16.05 -0.24
CA GLY A 121 -3.60 17.31 -0.94
C GLY A 121 -4.52 17.41 -2.14
N ASP A 122 -5.15 16.30 -2.51
CA ASP A 122 -6.10 16.29 -3.62
C ASP A 122 -7.32 15.47 -3.25
N ASP A 123 -8.32 15.46 -4.12
CA ASP A 123 -9.57 14.76 -3.85
C ASP A 123 -9.39 13.26 -4.08
N VAL A 124 -9.69 12.46 -3.06
CA VAL A 124 -9.53 11.02 -3.18
C VAL A 124 -10.80 10.29 -3.60
N ARG A 125 -11.92 11.01 -3.69
N ARG A 125 -11.92 11.01 -3.68
CA ARG A 125 -13.20 10.36 -3.92
CA ARG A 125 -13.20 10.35 -3.93
C ARG A 125 -13.30 9.73 -5.31
C ARG A 125 -13.25 9.72 -5.32
N GLY A 126 -13.04 10.51 -6.36
CA GLY A 126 -13.06 10.00 -7.71
C GLY A 126 -12.05 8.89 -7.92
N PRO A 127 -10.79 9.13 -7.55
CA PRO A 127 -9.78 8.09 -7.70
C PRO A 127 -10.13 6.79 -6.96
N SER A 128 -10.73 6.90 -5.78
N SER A 128 -10.73 6.90 -5.78
CA SER A 128 -11.05 5.69 -5.02
CA SER A 128 -11.07 5.72 -5.00
C SER A 128 -12.04 4.81 -5.77
C SER A 128 -12.06 4.81 -5.74
N VAL A 129 -13.02 5.42 -6.43
CA VAL A 129 -14.02 4.66 -7.17
C VAL A 129 -13.37 3.92 -8.33
N VAL A 130 -12.54 4.64 -9.06
N VAL A 130 -12.52 4.62 -9.09
CA VAL A 130 -11.89 4.09 -10.23
CA VAL A 130 -11.91 4.03 -10.27
C VAL A 130 -11.01 2.91 -9.81
C VAL A 130 -10.77 3.06 -9.93
N LEU A 131 -10.31 3.06 -8.69
CA LEU A 131 -9.37 2.07 -8.23
C LEU A 131 -10.10 0.78 -7.94
N LYS A 132 -11.22 0.89 -7.25
CA LYS A 132 -11.95 -0.30 -6.91
C LYS A 132 -12.66 -0.90 -8.12
N GLN A 133 -13.17 -0.07 -9.02
CA GLN A 133 -13.71 -0.57 -10.28
C GLN A 133 -12.65 -1.30 -11.08
N GLY A 134 -11.39 -0.89 -10.94
CA GLY A 134 -10.30 -1.49 -11.67
C GLY A 134 -9.75 -2.76 -11.07
N GLY A 135 -10.31 -3.19 -9.94
CA GLY A 135 -9.95 -4.46 -9.33
C GLY A 135 -8.97 -4.38 -8.16
N ALA A 136 -8.59 -3.19 -7.73
CA ALA A 136 -7.73 -3.03 -6.58
C ALA A 136 -8.53 -3.23 -5.30
N VAL A 137 -7.85 -3.77 -4.29
CA VAL A 137 -8.43 -4.00 -2.97
C VAL A 137 -7.61 -3.18 -1.98
N PRO A 138 -8.01 -1.92 -1.74
CA PRO A 138 -7.12 -1.12 -0.89
C PRO A 138 -7.43 -1.22 0.59
N ILE A 139 -6.38 -1.07 1.39
CA ILE A 139 -6.45 -0.95 2.83
C ILE A 139 -5.76 0.37 3.16
N GLY A 140 -6.54 1.36 3.56
CA GLY A 140 -6.02 2.68 3.90
C GLY A 140 -5.65 2.76 5.36
N ILE A 141 -4.38 3.01 5.64
CA ILE A 141 -3.87 3.13 7.00
C ILE A 141 -3.47 4.57 7.20
N GLY A 142 -4.26 5.28 8.00
CA GLY A 142 -4.02 6.68 8.27
C GLY A 142 -3.42 6.89 9.65
N ILE A 143 -2.26 7.52 9.66
CA ILE A 143 -1.48 7.72 10.87
C ILE A 143 -1.58 9.17 11.30
N GLY A 144 -1.68 9.42 12.60
CA GLY A 144 -1.50 10.78 13.11
C GLY A 144 -2.56 11.74 12.64
N ASN A 145 -2.17 12.70 11.82
CA ASN A 145 -3.11 13.68 11.31
C ASN A 145 -3.88 13.28 10.06
N ALA A 146 -3.66 12.06 9.56
CA ALA A 146 -4.49 11.55 8.49
C ALA A 146 -5.94 11.46 8.95
N ASP A 147 -6.85 11.51 7.98
N ASP A 147 -6.85 11.45 7.99
CA ASP A 147 -8.29 11.45 8.22
CA ASP A 147 -8.27 11.45 8.26
C ASP A 147 -8.80 10.03 8.03
C ASP A 147 -8.86 10.06 8.02
N ILE A 148 -9.42 9.45 9.05
CA ILE A 148 -10.00 8.13 8.89
C ILE A 148 -11.12 8.17 7.85
N SER A 149 -11.80 9.31 7.69
CA SER A 149 -12.84 9.42 6.67
C SER A 149 -12.26 9.20 5.26
N GLU A 150 -11.07 9.74 5.01
CA GLU A 150 -10.42 9.51 3.73
C GLU A 150 -9.97 8.08 3.58
N MET A 151 -9.47 7.48 4.67
CA MET A 151 -9.06 6.08 4.60
C MET A 151 -10.27 5.19 4.33
N GLN A 152 -11.41 5.51 4.90
CA GLN A 152 -12.65 4.77 4.62
C GLN A 152 -13.03 4.86 3.15
N THR A 153 -12.93 6.05 2.59
CA THR A 153 -13.25 6.26 1.18
C THR A 153 -12.34 5.45 0.26
N ILE A 154 -11.05 5.40 0.59
N ILE A 154 -11.04 5.40 0.55
CA ILE A 154 -10.05 4.73 -0.23
CA ILE A 154 -10.13 4.71 -0.36
C ILE A 154 -10.18 3.21 -0.15
C ILE A 154 -10.07 3.19 -0.14
N SER A 155 -10.51 2.72 1.02
CA SER A 155 -10.47 1.30 1.30
C SER A 155 -11.54 0.55 0.53
N PHE A 156 -11.26 -0.74 0.27
CA PHE A 156 -12.16 -1.59 -0.52
C PHE A 156 -13.58 -1.52 -0.03
N ILE A 157 -13.74 -1.66 1.28
CA ILE A 157 -14.96 -1.27 1.96
C ILE A 157 -14.54 -0.40 3.13
N PRO A 158 -15.44 0.47 3.61
CA PRO A 158 -15.04 1.39 4.67
C PRO A 158 -14.43 0.68 5.88
N ASP A 159 -14.91 -0.51 6.20
CA ASP A 159 -14.43 -1.22 7.38
C ASP A 159 -13.00 -1.76 7.29
N PHE A 160 -12.39 -1.72 6.10
CA PHE A 160 -10.99 -2.11 5.96
C PHE A 160 -10.04 -1.00 6.44
N ALA A 161 -10.53 0.22 6.58
CA ALA A 161 -9.68 1.35 6.96
C ALA A 161 -9.16 1.20 8.36
N VAL A 162 -7.94 1.67 8.59
CA VAL A 162 -7.28 1.62 9.89
C VAL A 162 -6.75 3.00 10.25
N ALA A 163 -6.97 3.42 11.49
CA ALA A 163 -6.39 4.63 12.03
C ALA A 163 -5.42 4.26 13.13
N ILE A 164 -4.24 4.86 13.10
CA ILE A 164 -3.38 4.71 14.26
C ILE A 164 -2.78 6.02 14.65
N PRO A 165 -2.59 6.18 15.93
CA PRO A 165 -2.30 7.50 16.48
C PRO A 165 -0.92 8.03 16.11
N THR A 166 0.06 7.14 16.04
CA THR A 166 1.44 7.53 15.94
C THR A 166 2.20 6.49 15.12
N PHE A 167 3.33 6.89 14.53
CA PHE A 167 4.14 5.93 13.78
C PHE A 167 4.59 4.78 14.67
N ARG A 168 4.82 5.05 15.96
CA ARG A 168 5.30 4.01 16.86
C ARG A 168 4.26 2.92 17.14
N GLU A 169 3.00 3.17 16.82
CA GLU A 169 1.96 2.14 16.95
C GLU A 169 1.77 1.30 15.69
N LEU A 170 2.51 1.58 14.62
CA LEU A 170 2.43 0.70 13.44
C LEU A 170 2.71 -0.76 13.79
N GLY A 171 3.68 -1.00 14.67
CA GLY A 171 3.97 -2.36 15.09
C GLY A 171 2.75 -3.10 15.62
N THR A 172 1.81 -2.37 16.23
CA THR A 172 0.64 -2.98 16.89
C THR A 172 -0.34 -3.56 15.89
N ILE A 173 -0.24 -3.14 14.64
CA ILE A 173 -1.12 -3.68 13.63
C ILE A 173 -0.41 -4.52 12.58
N GLN A 174 0.89 -4.81 12.74
CA GLN A 174 1.58 -5.59 11.73
C GLN A 174 0.93 -6.96 11.59
N GLN A 175 0.63 -7.61 12.73
CA GLN A 175 0.08 -8.95 12.67
C GLN A 175 -1.27 -8.96 11.96
N VAL A 176 -2.15 -8.02 12.29
N VAL A 176 -2.12 -8.02 12.30
CA VAL A 176 -3.47 -8.02 11.67
CA VAL A 176 -3.45 -7.96 11.72
C VAL A 176 -3.42 -7.65 10.18
C VAL A 176 -3.40 -7.65 10.21
N ILE A 177 -2.49 -6.79 9.80
CA ILE A 177 -2.36 -6.45 8.39
C ILE A 177 -1.82 -7.65 7.58
N SER A 178 -0.81 -8.33 8.12
CA SER A 178 -0.30 -9.54 7.49
C SER A 178 -1.42 -10.55 7.31
N GLU A 179 -2.22 -10.73 8.36
CA GLU A 179 -3.29 -11.71 8.31
C GLU A 179 -4.34 -11.35 7.25
N ARG A 180 -4.56 -10.07 7.02
N ARG A 180 -4.55 -10.06 7.03
CA ARG A 180 -5.47 -9.71 5.95
CA ARG A 180 -5.45 -9.61 5.96
C ARG A 180 -4.93 -10.19 4.60
C ARG A 180 -4.96 -10.07 4.59
N VAL A 181 -3.66 -9.89 4.33
CA VAL A 181 -3.07 -10.33 3.07
C VAL A 181 -3.20 -11.83 2.90
N ILE A 182 -2.92 -12.57 3.96
CA ILE A 182 -2.90 -14.01 3.90
C ILE A 182 -4.31 -14.56 3.72
N GLN A 183 -5.28 -13.95 4.41
CA GLN A 183 -6.62 -14.53 4.51
C GLN A 183 -7.62 -14.02 3.47
N LEU A 184 -7.37 -12.85 2.90
CA LEU A 184 -8.28 -12.35 1.88
C LEU A 184 -8.18 -13.25 0.65
N ASN A 185 -9.31 -13.59 0.06
CA ASN A 185 -9.28 -14.39 -1.15
C ASN A 185 -10.31 -13.87 -2.12
N ARG A 186 -10.13 -14.23 -3.38
CA ARG A 186 -10.88 -13.68 -4.49
C ARG A 186 -12.39 -13.80 -4.30
N GLU A 187 -12.85 -14.94 -3.80
CA GLU A 187 -14.28 -15.19 -3.74
C GLU A 187 -14.92 -14.45 -2.56
N GLU A 188 -14.15 -14.35 -1.48
CA GLU A 188 -14.59 -13.60 -0.31
C GLU A 188 -14.67 -12.11 -0.63
N LEU A 189 -13.70 -11.61 -1.39
CA LEU A 189 -13.70 -10.22 -1.81
C LEU A 189 -14.92 -9.91 -2.67
N SER A 190 -15.22 -10.81 -3.61
CA SER A 190 -16.36 -10.62 -4.50
C SER A 190 -17.67 -10.55 -3.71
N SER A 191 -17.77 -11.36 -2.66
CA SER A 191 -18.95 -11.40 -1.82
C SER A 191 -19.23 -10.11 -1.05
N LEU A 192 -18.26 -9.19 -1.00
CA LEU A 192 -18.37 -8.01 -0.13
C LEU A 192 -18.93 -6.75 -0.79
N LYS A 193 -19.14 -6.78 -2.11
CA LYS A 193 -19.32 -5.56 -2.89
C LYS A 193 -18.03 -4.75 -2.87
#